data_2VTC
#
_entry.id   2VTC
#
_cell.length_a   101.445
_cell.length_b   101.445
_cell.length_c   102.697
_cell.angle_alpha   90.00
_cell.angle_beta   90.00
_cell.angle_gamma   120.00
#
_symmetry.space_group_name_H-M   'P 65'
#
loop_
_entity.id
_entity.type
_entity.pdbx_description
1 polymer CEL61B
2 branched 2-acetamido-2-deoxy-beta-D-glucopyranose-(1-4)-2-acetamido-2-deoxy-beta-D-glucopyranose
3 non-polymer 'NICKEL (II) ION'
4 water water
#
_entity_poly.entity_id   1
_entity_poly.type   'polypeptide(L)'
_entity_poly.pdbx_seq_one_letter_code
;MKSCAILAALGCLAGSVLGHGQVQNFTINGQYNQGFILDYYYQKQNTGHFPNVAGWYAEDLDLGFISPDQYTTPDIVCHK
NAAPGAISATAAAGSNIVFQWGPGVWPHPYGPIVTYVVECSGSCTTVNKNNLRWVKIQEAGINYNTQVWAQQDLINQGNK
WTVKIPSSLRPGNYVFRHELLAAHGASSANGMQNYPQCVNIAVTGSGTKALPAGTPATQLYKPTDPGILFNPYTTITSYT
IPGPALWQG
;
_entity_poly.pdbx_strand_id   A,B
#
# COMPACT_ATOMS: atom_id res chain seq x y z
N HIS A 20 7.31 21.85 4.66
CA HIS A 20 6.71 21.60 6.02
C HIS A 20 5.68 20.48 5.99
N GLY A 21 5.71 19.63 7.03
CA GLY A 21 4.85 18.46 7.10
C GLY A 21 5.48 17.46 8.07
N GLN A 22 4.73 16.42 8.42
CA GLN A 22 5.25 15.37 9.32
C GLN A 22 4.68 14.01 8.92
N VAL A 23 5.32 12.92 9.35
CA VAL A 23 4.74 11.61 9.15
C VAL A 23 3.67 11.42 10.22
N GLN A 24 2.41 11.33 9.79
CA GLN A 24 1.30 11.26 10.76
C GLN A 24 0.85 9.84 11.07
N ASN A 25 1.14 8.95 10.13
CA ASN A 25 0.83 7.55 10.24
C ASN A 25 1.60 6.81 9.14
N PHE A 26 1.53 5.49 9.18
CA PHE A 26 2.26 4.67 8.24
C PHE A 26 1.64 3.29 8.22
N THR A 27 1.86 2.56 7.13
CA THR A 27 1.39 1.20 6.98
C THR A 27 2.53 0.21 6.90
N ILE A 28 2.30 -0.98 7.44
CA ILE A 28 3.23 -2.08 7.30
C ILE A 28 2.45 -3.24 6.66
N ASN A 29 2.91 -3.70 5.51
CA ASN A 29 2.15 -4.65 4.68
C ASN A 29 0.66 -4.31 4.64
N GLY A 30 0.37 -3.03 4.44
CA GLY A 30 -1.00 -2.55 4.33
C GLY A 30 -1.65 -2.14 5.65
N GLN A 31 -1.12 -2.63 6.76
CA GLN A 31 -1.75 -2.47 8.08
C GLN A 31 -1.46 -1.11 8.72
N TYR A 32 -2.51 -0.40 9.12
CA TYR A 32 -2.40 0.95 9.69
C TYR A 32 -1.70 1.02 11.07
N ASN A 33 -0.82 2.02 11.20
CA ASN A 33 -0.13 2.33 12.43
C ASN A 33 -0.18 3.83 12.68
N GLN A 34 -0.56 4.22 13.90
CA GLN A 34 -0.64 5.62 14.25
C GLN A 34 0.75 6.24 14.47
N GLY A 35 1.00 7.40 13.85
CA GLY A 35 2.24 8.15 14.07
C GLY A 35 2.05 9.28 15.06
N PHE A 36 3.12 10.03 15.31
CA PHE A 36 3.01 11.19 16.18
C PHE A 36 2.42 12.35 15.39
N ILE A 37 1.38 12.97 15.94
CA ILE A 37 0.78 14.16 15.32
C ILE A 37 0.90 15.39 16.23
N LEU A 38 0.88 16.56 15.62
CA LEU A 38 1.06 17.80 16.37
C LEU A 38 0.03 18.02 17.51
N ASP A 39 -1.20 17.52 17.33
CA ASP A 39 -2.24 17.58 18.38
C ASP A 39 -1.80 16.99 19.72
N TYR A 40 -1.01 15.93 19.66
CA TYR A 40 -0.47 15.28 20.86
C TYR A 40 0.50 16.16 21.64
N TYR A 41 1.25 17.02 20.95
CA TYR A 41 2.12 17.96 21.63
C TYR A 41 1.30 18.87 22.52
N TYR A 42 0.15 19.30 22.01
CA TYR A 42 -0.71 20.24 22.72
C TYR A 42 -1.49 19.52 23.84
N GLN A 43 -1.91 18.28 23.58
CA GLN A 43 -2.44 17.40 24.63
C GLN A 43 -1.48 17.38 25.82
N LYS A 44 -0.20 17.14 25.54
CA LYS A 44 0.80 17.04 26.59
C LYS A 44 0.96 18.36 27.37
N GLN A 45 0.94 19.48 26.66
CA GLN A 45 1.02 20.80 27.31
C GLN A 45 -0.16 21.00 28.26
N ASN A 46 -1.34 20.56 27.83
CA ASN A 46 -2.58 20.79 28.56
C ASN A 46 -2.81 19.84 29.73
N THR A 47 -2.43 18.57 29.54
CA THR A 47 -2.78 17.51 30.50
C THR A 47 -1.58 16.76 31.07
N GLY A 48 -0.42 16.86 30.41
CA GLY A 48 0.79 16.18 30.86
C GLY A 48 0.97 14.80 30.23
N HIS A 49 -0.05 14.34 29.50
CA HIS A 49 -0.02 13.02 28.86
C HIS A 49 -0.59 13.09 27.43
N PHE A 50 -0.30 12.07 26.61
CA PHE A 50 -0.86 11.94 25.24
C PHE A 50 -0.81 10.46 24.83
N PRO A 51 -1.55 10.08 23.75
CA PRO A 51 -1.62 8.67 23.32
C PRO A 51 -0.26 8.03 23.07
N ASN A 52 -0.15 6.76 23.43
CA ASN A 52 1.11 6.02 23.25
C ASN A 52 1.23 5.54 21.82
N VAL A 53 2.23 6.05 21.10
CA VAL A 53 2.40 5.72 19.67
C VAL A 53 3.85 5.36 19.32
N ALA A 54 4.03 4.74 18.15
CA ALA A 54 5.35 4.35 17.64
C ALA A 54 6.16 5.52 17.06
N GLY A 55 5.49 6.58 16.64
CA GLY A 55 6.19 7.76 16.12
C GLY A 55 6.80 8.55 17.26
N TRP A 56 8.00 9.11 17.04
CA TRP A 56 8.67 9.89 18.07
C TRP A 56 7.96 11.22 18.38
N TYR A 57 7.92 11.57 19.65
CA TYR A 57 7.56 12.93 20.05
C TYR A 57 8.60 13.95 19.53
N ALA A 58 8.14 15.09 19.03
CA ALA A 58 9.02 16.16 18.60
C ALA A 58 8.34 17.53 18.77
N GLU A 59 9.12 18.59 18.88
CA GLU A 59 8.56 19.88 19.29
C GLU A 59 8.70 20.99 18.27
N ASP A 60 8.78 20.65 16.98
CA ASP A 60 8.70 21.70 15.94
C ASP A 60 7.23 21.98 15.59
N LEU A 61 6.72 23.09 16.11
CA LEU A 61 5.27 23.33 16.16
C LEU A 61 4.63 23.74 14.81
N ASP A 62 5.47 23.87 13.80
CA ASP A 62 5.07 24.27 12.46
C ASP A 62 5.25 23.13 11.46
N LEU A 63 5.82 22.04 11.95
CA LEU A 63 6.21 20.93 11.11
C LEU A 63 7.35 21.35 10.16
N GLY A 64 8.24 22.17 10.70
CA GLY A 64 9.44 22.73 10.03
C GLY A 64 10.62 21.77 9.95
N PHE A 65 11.81 22.34 9.88
CA PHE A 65 13.01 21.60 9.47
C PHE A 65 14.23 21.86 10.37
N ILE A 66 15.27 21.01 10.19
CA ILE A 66 16.57 21.14 10.84
C ILE A 66 17.51 21.66 9.75
N SER A 67 18.35 22.63 10.08
CA SER A 67 19.23 23.31 9.10
C SER A 67 20.67 22.80 9.18
N PRO A 68 21.48 23.00 8.12
CA PRO A 68 22.88 22.59 8.15
C PRO A 68 23.69 23.05 9.36
N ASP A 69 23.35 24.22 9.92
CA ASP A 69 24.03 24.70 11.13
C ASP A 69 23.65 23.88 12.37
N GLN A 70 22.74 22.92 12.18
CA GLN A 70 22.34 22.00 13.24
C GLN A 70 22.77 20.54 12.96
N TYR A 71 23.58 20.32 11.92
CA TYR A 71 23.95 18.94 11.55
C TYR A 71 24.80 18.19 12.59
N THR A 72 25.39 18.90 13.56
CA THR A 72 26.17 18.22 14.61
C THR A 72 25.45 18.19 15.97
N THR A 73 24.18 18.58 15.97
CA THR A 73 23.38 18.73 17.21
C THR A 73 22.41 17.58 17.40
N PRO A 74 21.97 17.32 18.65
CA PRO A 74 20.97 16.26 18.86
C PRO A 74 19.69 16.36 18.03
N ASP A 75 19.31 17.58 17.62
CA ASP A 75 18.10 17.77 16.86
C ASP A 75 18.12 17.06 15.49
N ILE A 76 19.31 16.79 14.95
CA ILE A 76 19.40 16.09 13.64
C ILE A 76 19.05 14.61 13.75
N VAL A 77 19.08 14.05 14.96
CA VAL A 77 18.82 12.61 15.10
C VAL A 77 17.38 12.25 14.68
N CYS A 78 16.39 12.84 15.37
CA CYS A 78 14.98 12.56 15.16
C CYS A 78 14.10 13.81 15.20
N HIS A 79 14.72 14.95 14.89
CA HIS A 79 14.05 16.26 14.83
C HIS A 79 13.99 16.94 16.22
N LYS A 80 13.32 18.09 16.29
CA LYS A 80 13.47 19.00 17.44
C LYS A 80 13.06 18.42 18.81
N ASN A 81 14.02 18.40 19.73
CA ASN A 81 13.78 17.96 21.13
C ASN A 81 13.09 16.58 21.16
N ALA A 82 13.41 15.72 20.20
CA ALA A 82 12.68 14.49 20.02
C ALA A 82 12.94 13.47 21.12
N ALA A 83 11.92 12.67 21.36
CA ALA A 83 11.98 11.56 22.34
C ALA A 83 11.29 10.32 21.75
N PRO A 84 11.80 9.12 22.11
CA PRO A 84 11.25 7.90 21.55
C PRO A 84 9.74 7.75 21.80
N GLY A 85 9.04 7.16 20.83
CA GLY A 85 7.63 6.79 21.00
C GLY A 85 7.53 5.83 22.18
N ALA A 86 6.39 5.87 22.86
CA ALA A 86 6.20 5.12 24.11
C ALA A 86 5.94 3.64 23.85
N ILE A 87 5.66 3.29 22.59
CA ILE A 87 5.49 1.89 22.16
C ILE A 87 6.24 1.67 20.85
N SER A 88 6.26 0.42 20.38
CA SER A 88 6.86 0.07 19.09
C SER A 88 5.86 -0.64 18.17
N ALA A 89 5.93 -0.34 16.87
CA ALA A 89 5.26 -1.14 15.85
C ALA A 89 6.11 -2.39 15.61
N THR A 90 5.66 -3.26 14.70
CA THR A 90 6.41 -4.48 14.39
C THR A 90 6.18 -4.93 12.95
N ALA A 91 7.18 -5.59 12.37
CA ALA A 91 7.17 -5.91 10.95
C ALA A 91 8.13 -7.03 10.67
N ALA A 92 7.74 -7.94 9.77
CA ALA A 92 8.66 -8.98 9.29
C ALA A 92 9.70 -8.37 8.35
N ALA A 93 10.94 -8.85 8.43
CA ALA A 93 11.97 -8.42 7.48
C ALA A 93 11.44 -8.68 6.07
N GLY A 94 11.70 -7.74 5.17
CA GLY A 94 11.17 -7.78 3.81
C GLY A 94 9.85 -7.06 3.63
N SER A 95 9.23 -6.64 4.74
CA SER A 95 8.00 -5.86 4.67
C SER A 95 8.22 -4.48 4.06
N ASN A 96 7.16 -3.93 3.46
CA ASN A 96 7.17 -2.55 3.00
C ASN A 96 6.50 -1.64 4.02
N ILE A 97 7.21 -0.57 4.36
CA ILE A 97 6.63 0.51 5.13
C ILE A 97 6.19 1.56 4.12
N VAL A 98 5.03 2.15 4.37
CA VAL A 98 4.60 3.30 3.58
C VAL A 98 4.38 4.47 4.52
N PHE A 99 5.28 5.44 4.45
CA PHE A 99 5.21 6.62 5.30
C PHE A 99 4.19 7.57 4.68
N GLN A 100 3.23 8.01 5.49
CA GLN A 100 2.22 8.95 5.04
C GLN A 100 2.48 10.33 5.63
N TRP A 101 2.86 11.27 4.76
CA TRP A 101 3.12 12.63 5.18
C TRP A 101 1.83 13.48 5.16
N GLY A 102 1.79 14.50 5.99
CA GLY A 102 0.58 15.32 6.10
C GLY A 102 0.71 16.38 7.15
N PRO A 103 -0.41 17.06 7.50
CA PRO A 103 -1.79 16.82 7.01
C PRO A 103 -2.09 17.38 5.59
N GLY A 104 -1.30 18.34 5.15
CA GLY A 104 -1.50 18.94 3.82
C GLY A 104 -0.59 18.33 2.77
N VAL A 105 -0.85 18.65 1.50
CA VAL A 105 0.02 18.24 0.39
C VAL A 105 1.45 18.73 0.61
N TRP A 106 2.43 17.85 0.38
CA TRP A 106 3.83 18.24 0.53
C TRP A 106 4.23 19.42 -0.39
N PRO A 107 4.71 20.54 0.18
CA PRO A 107 5.05 21.80 -0.53
C PRO A 107 6.18 21.88 -1.58
N HIS A 108 7.06 20.89 -1.74
CA HIS A 108 8.53 21.06 -1.76
C HIS A 108 8.92 20.05 -2.84
N PRO A 109 8.90 20.47 -4.13
CA PRO A 109 9.10 19.51 -5.22
C PRO A 109 10.57 19.22 -5.55
N TYR A 110 11.49 19.95 -4.94
CA TYR A 110 12.93 19.77 -5.16
C TYR A 110 13.62 19.03 -4.02
N GLY A 111 14.33 17.96 -4.34
CA GLY A 111 15.19 17.31 -3.36
C GLY A 111 15.04 15.80 -3.25
N PRO A 112 16.09 15.17 -2.67
CA PRO A 112 16.10 13.71 -2.49
C PRO A 112 15.34 13.23 -1.24
N ILE A 113 15.17 11.92 -1.17
CA ILE A 113 14.52 11.25 -0.04
C ILE A 113 15.41 10.10 0.39
N VAL A 114 15.72 10.03 1.69
CA VAL A 114 16.57 8.96 2.22
C VAL A 114 15.94 8.38 3.50
N THR A 115 16.18 7.08 3.75
CA THR A 115 15.72 6.41 4.97
C THR A 115 16.85 5.58 5.58
N TYR A 116 16.94 5.66 6.90
CA TYR A 116 17.99 4.93 7.65
C TYR A 116 17.33 4.03 8.69
N VAL A 117 18.12 3.07 9.18
CA VAL A 117 17.70 2.23 10.32
C VAL A 117 18.84 2.13 11.34
N VAL A 118 18.46 2.02 12.61
CA VAL A 118 19.41 1.83 13.71
C VAL A 118 18.83 0.79 14.68
N GLU A 119 19.71 -0.02 15.25
CA GLU A 119 19.30 -0.95 16.31
C GLU A 119 19.36 -0.31 17.71
N CYS A 120 18.48 -0.76 18.59
CA CYS A 120 18.47 -0.29 19.98
C CYS A 120 19.03 -1.35 20.90
N SER A 121 19.81 -0.89 21.88
CA SER A 121 20.20 -1.75 22.99
C SER A 121 19.05 -1.67 23.98
N GLY A 122 18.35 -2.78 24.21
CA GLY A 122 17.13 -2.75 25.00
C GLY A 122 15.98 -2.24 24.16
N SER A 123 14.90 -1.83 24.82
CA SER A 123 13.70 -1.33 24.14
C SER A 123 14.01 0.02 23.45
N CYS A 124 13.45 0.23 22.27
CA CYS A 124 13.62 1.56 21.62
C CYS A 124 12.86 2.63 22.38
N THR A 125 11.86 2.24 23.16
CA THR A 125 11.04 3.19 23.92
C THR A 125 11.82 3.97 24.98
N THR A 126 12.99 3.46 25.36
CA THR A 126 13.80 4.08 26.40
C THR A 126 15.24 4.32 25.96
N VAL A 127 15.51 4.24 24.65
CA VAL A 127 16.86 4.37 24.12
C VAL A 127 17.39 5.81 24.29
N ASN A 128 18.72 5.92 24.40
CA ASN A 128 19.40 7.20 24.32
C ASN A 128 19.63 7.49 22.83
N LYS A 129 18.86 8.42 22.27
CA LYS A 129 18.94 8.69 20.81
C LYS A 129 20.35 9.05 20.32
N ASN A 130 21.15 9.66 21.20
CA ASN A 130 22.48 10.12 20.81
C ASN A 130 23.48 8.97 20.59
N ASN A 131 23.13 7.77 21.05
CA ASN A 131 23.98 6.60 20.85
C ASN A 131 23.58 5.75 19.65
N LEU A 132 22.49 6.15 18.98
CA LEU A 132 22.03 5.42 17.80
C LEU A 132 23.00 5.60 16.63
N ARG A 133 23.22 4.52 15.89
CA ARG A 133 24.11 4.54 14.71
C ARG A 133 23.34 4.08 13.50
N TRP A 134 23.33 4.90 12.44
CA TRP A 134 22.39 4.74 11.36
C TRP A 134 22.98 4.11 10.12
N VAL A 135 22.20 3.25 9.49
CA VAL A 135 22.56 2.57 8.25
C VAL A 135 21.55 2.94 7.16
N LYS A 136 22.04 3.47 6.04
CA LYS A 136 21.13 3.87 4.94
C LYS A 136 20.52 2.65 4.26
N ILE A 137 19.18 2.61 4.18
CA ILE A 137 18.48 1.48 3.52
C ILE A 137 17.66 1.90 2.30
N GLN A 138 17.55 3.20 2.05
CA GLN A 138 16.82 3.74 0.90
C GLN A 138 17.35 5.12 0.54
N GLU A 139 17.52 5.37 -0.76
CA GLU A 139 17.81 6.73 -1.23
C GLU A 139 17.27 6.94 -2.65
N ALA A 140 16.78 8.16 -2.89
CA ALA A 140 16.26 8.50 -4.23
C ALA A 140 16.54 9.97 -4.46
N GLY A 141 17.02 10.29 -5.67
CA GLY A 141 17.41 11.67 -6.00
C GLY A 141 16.62 12.23 -7.16
N ILE A 142 17.35 12.66 -8.20
CA ILE A 142 16.73 13.23 -9.43
C ILE A 142 16.86 12.23 -10.57
N ASN A 143 15.80 12.10 -11.38
CA ASN A 143 15.84 11.35 -12.62
C ASN A 143 16.50 12.27 -13.65
N TYR A 144 17.69 11.91 -14.14
CA TYR A 144 18.46 12.82 -15.00
C TYR A 144 17.71 13.11 -16.33
N ASN A 145 16.96 12.12 -16.80
CA ASN A 145 16.28 12.28 -18.10
C ASN A 145 15.02 13.14 -18.02
N THR A 146 14.33 13.14 -16.88
CA THR A 146 13.13 13.96 -16.72
C THR A 146 13.40 15.26 -15.92
N GLN A 147 14.51 15.28 -15.17
CA GLN A 147 14.85 16.35 -14.20
C GLN A 147 13.85 16.46 -13.03
N VAL A 148 13.14 15.37 -12.77
CA VAL A 148 12.14 15.31 -11.70
C VAL A 148 12.70 14.62 -10.45
N TRP A 149 12.55 15.31 -9.32
CA TRP A 149 13.06 14.81 -8.02
C TRP A 149 12.12 13.84 -7.32
N ALA A 150 12.71 13.00 -6.47
CA ALA A 150 11.94 12.11 -5.60
C ALA A 150 10.81 12.84 -4.86
N GLN A 151 11.07 14.06 -4.39
CA GLN A 151 10.02 14.79 -3.65
C GLN A 151 8.80 15.17 -4.50
N GLN A 152 9.01 15.42 -5.79
CA GLN A 152 7.88 15.59 -6.72
C GLN A 152 7.09 14.26 -6.85
N ASP A 153 7.80 13.14 -6.91
CA ASP A 153 7.15 11.83 -6.91
C ASP A 153 6.32 11.61 -5.65
N LEU A 154 6.83 12.08 -4.50
CA LEU A 154 6.07 11.96 -3.24
C LEU A 154 4.73 12.69 -3.35
N ILE A 155 4.77 13.93 -3.85
CA ILE A 155 3.57 14.76 -4.02
C ILE A 155 2.58 14.03 -4.94
N ASN A 156 3.08 13.50 -6.06
CA ASN A 156 2.26 12.77 -7.03
C ASN A 156 1.77 11.38 -6.58
N GLN A 157 2.28 10.88 -5.45
CA GLN A 157 1.83 9.59 -4.90
C GLN A 157 0.96 9.79 -3.65
N GLY A 158 0.40 10.98 -3.50
CA GLY A 158 -0.52 11.28 -2.39
C GLY A 158 0.21 11.37 -1.05
N ASN A 159 1.42 11.92 -1.07
CA ASN A 159 2.19 12.13 0.17
C ASN A 159 2.69 10.83 0.80
N LYS A 160 2.75 9.76 0.01
CA LYS A 160 3.19 8.44 0.48
C LYS A 160 4.56 8.08 -0.08
N TRP A 161 5.43 7.49 0.76
CA TRP A 161 6.70 6.96 0.30
C TRP A 161 6.92 5.53 0.80
N THR A 162 7.25 4.62 -0.11
CA THR A 162 7.45 3.20 0.21
C THR A 162 8.92 2.91 0.47
N VAL A 163 9.18 2.25 1.60
CA VAL A 163 10.53 1.81 1.97
C VAL A 163 10.47 0.34 2.36
N LYS A 164 11.28 -0.47 1.70
CA LYS A 164 11.42 -1.90 2.03
C LYS A 164 12.41 -2.14 3.19
N ILE A 165 11.94 -2.88 4.20
CA ILE A 165 12.83 -3.39 5.25
C ILE A 165 13.65 -4.54 4.63
N PRO A 166 14.99 -4.43 4.59
CA PRO A 166 15.85 -5.46 3.97
C PRO A 166 15.49 -6.87 4.48
N SER A 167 15.39 -7.81 3.54
CA SER A 167 14.93 -9.18 3.83
C SER A 167 15.87 -9.94 4.76
N SER A 168 17.13 -9.54 4.73
CA SER A 168 18.20 -10.20 5.50
C SER A 168 18.35 -9.67 6.92
N LEU A 169 17.61 -8.62 7.27
CA LEU A 169 17.81 -7.98 8.57
C LEU A 169 17.30 -8.87 9.70
N ARG A 170 18.18 -9.15 10.67
CA ARG A 170 17.88 -10.06 11.77
C ARG A 170 16.86 -9.44 12.71
N PRO A 171 16.04 -10.27 13.39
CA PRO A 171 15.11 -9.73 14.39
C PRO A 171 15.78 -8.85 15.46
N GLY A 172 15.03 -7.86 15.95
CA GLY A 172 15.59 -6.87 16.86
C GLY A 172 14.67 -5.68 17.05
N ASN A 173 15.06 -4.81 17.95
CA ASN A 173 14.33 -3.56 18.17
C ASN A 173 15.05 -2.46 17.38
N TYR A 174 14.34 -1.83 16.44
CA TYR A 174 14.99 -0.82 15.57
C TYR A 174 14.18 0.47 15.52
N VAL A 175 14.89 1.53 15.13
CA VAL A 175 14.29 2.81 14.81
C VAL A 175 14.54 3.06 13.33
N PHE A 176 13.51 3.54 12.65
CA PHE A 176 13.63 3.94 11.23
C PHE A 176 13.56 5.46 11.13
N ARG A 177 14.53 6.06 10.45
CA ARG A 177 14.64 7.51 10.33
C ARG A 177 14.44 7.86 8.85
N HIS A 178 13.24 8.40 8.56
CA HIS A 178 12.80 8.70 7.19
C HIS A 178 12.93 10.22 6.98
N GLU A 179 13.61 10.65 5.90
CA GLU A 179 14.00 12.06 5.82
C GLU A 179 13.88 12.66 4.42
N LEU A 180 13.25 13.83 4.35
CA LEU A 180 13.18 14.60 3.11
C LEU A 180 14.17 15.73 3.20
N LEU A 181 14.98 15.89 2.16
CA LEU A 181 15.92 17.01 2.15
C LEU A 181 15.45 17.99 1.09
N ALA A 182 14.63 18.96 1.49
CA ALA A 182 14.03 19.92 0.53
C ALA A 182 15.09 20.94 0.11
N ALA A 183 15.30 20.99 -1.21
CA ALA A 183 16.48 21.62 -1.77
C ALA A 183 16.23 22.93 -2.54
N HIS A 184 15.01 23.46 -2.50
CA HIS A 184 14.70 24.74 -3.20
C HIS A 184 15.65 25.88 -2.84
N GLY A 185 16.16 25.87 -1.60
CA GLY A 185 17.12 26.86 -1.13
C GLY A 185 18.56 26.42 -1.03
N ALA A 186 18.89 25.25 -1.58
CA ALA A 186 20.19 24.63 -1.40
C ALA A 186 21.40 25.34 -2.06
N SER A 187 21.15 26.30 -2.95
CA SER A 187 22.28 27.02 -3.56
C SER A 187 23.05 27.91 -2.58
N SER A 188 22.39 28.33 -1.50
CA SER A 188 22.98 29.12 -0.40
C SER A 188 23.47 28.27 0.77
N ALA A 189 24.56 28.70 1.41
CA ALA A 189 25.00 28.14 2.68
C ALA A 189 23.84 28.14 3.70
N ASN A 190 23.68 27.01 4.38
CA ASN A 190 22.61 26.82 5.35
C ASN A 190 21.20 26.76 4.73
N GLY A 191 21.12 26.60 3.41
CA GLY A 191 19.83 26.62 2.73
C GLY A 191 19.02 25.34 2.65
N MET A 192 19.72 24.19 2.61
CA MET A 192 19.08 22.87 2.64
C MET A 192 18.15 22.75 3.84
N GLN A 193 16.96 22.17 3.63
CA GLN A 193 16.02 21.97 4.75
C GLN A 193 15.84 20.48 5.00
N ASN A 194 16.23 19.99 6.20
CA ASN A 194 16.09 18.56 6.50
C ASN A 194 14.82 18.28 7.32
N TYR A 195 14.06 17.27 6.92
CA TYR A 195 12.84 16.88 7.64
C TYR A 195 12.93 15.41 8.09
N PRO A 196 13.72 15.12 9.15
CA PRO A 196 13.81 13.73 9.63
C PRO A 196 12.62 13.34 10.54
N GLN A 197 12.17 12.12 10.39
CA GLN A 197 11.07 11.60 11.19
C GLN A 197 11.41 10.17 11.62
N CYS A 198 11.36 9.93 12.94
CA CYS A 198 11.68 8.60 13.46
C CYS A 198 10.45 7.82 13.93
N VAL A 199 10.47 6.51 13.67
CA VAL A 199 9.42 5.58 14.13
C VAL A 199 10.05 4.30 14.72
N ASN A 200 9.51 3.82 15.84
CA ASN A 200 9.96 2.55 16.43
C ASN A 200 9.30 1.42 15.68
N ILE A 201 10.11 0.58 15.03
CA ILE A 201 9.59 -0.63 14.40
C ILE A 201 10.50 -1.84 14.72
N ALA A 202 9.99 -2.74 15.54
CA ALA A 202 10.74 -3.97 15.80
C ALA A 202 10.61 -4.86 14.57
N VAL A 203 11.64 -5.67 14.33
CA VAL A 203 11.71 -6.54 13.17
C VAL A 203 11.71 -8.01 13.63
N THR A 204 10.92 -8.81 12.92
CA THR A 204 10.77 -10.25 13.17
C THR A 204 11.14 -11.01 11.91
N GLY A 205 11.04 -12.34 11.95
CA GLY A 205 11.14 -13.13 10.73
C GLY A 205 12.42 -13.92 10.55
N SER A 206 12.83 -14.06 9.29
CA SER A 206 13.85 -15.04 8.90
C SER A 206 15.20 -14.44 8.46
N GLY A 207 15.38 -13.14 8.63
CA GLY A 207 16.66 -12.53 8.31
C GLY A 207 17.71 -12.96 9.32
N THR A 208 18.96 -13.06 8.86
CA THR A 208 20.04 -13.51 9.75
C THR A 208 21.21 -12.52 9.90
N LYS A 209 21.18 -11.42 9.14
CA LYS A 209 22.33 -10.48 9.13
C LYS A 209 22.21 -9.36 10.16
N ALA A 210 23.30 -9.12 10.89
CA ALA A 210 23.38 -8.00 11.83
C ALA A 210 23.56 -6.70 11.05
N LEU A 211 23.02 -5.61 11.60
CA LEU A 211 23.28 -4.28 11.04
C LEU A 211 24.76 -3.95 11.26
N PRO A 212 25.44 -3.38 10.23
CA PRO A 212 26.84 -3.00 10.48
C PRO A 212 26.97 -1.73 11.32
N ALA A 213 28.21 -1.28 11.52
CA ALA A 213 28.53 -0.25 12.51
C ALA A 213 27.73 1.05 12.27
N GLY A 214 27.52 1.40 11.01
CA GLY A 214 26.72 2.60 10.69
C GLY A 214 27.40 3.89 11.14
N THR A 215 26.59 4.96 11.21
CA THR A 215 27.08 6.34 11.35
C THR A 215 26.21 7.13 12.35
N PRO A 216 26.84 7.81 13.34
CA PRO A 216 26.06 8.70 14.23
C PRO A 216 25.31 9.75 13.39
N ALA A 217 24.09 10.13 13.79
CA ALA A 217 23.32 11.08 12.94
C ALA A 217 24.06 12.39 12.76
N THR A 218 24.88 12.75 13.75
CA THR A 218 25.63 14.02 13.77
C THR A 218 26.84 13.99 12.82
N GLN A 219 27.06 12.85 12.17
CA GLN A 219 28.12 12.68 11.17
C GLN A 219 27.58 12.38 9.77
N LEU A 220 26.25 12.43 9.60
CA LEU A 220 25.65 12.11 8.29
C LEU A 220 25.99 13.12 7.22
N TYR A 221 25.91 14.40 7.59
CA TYR A 221 25.98 15.51 6.62
C TYR A 221 26.83 16.69 7.10
N LYS A 222 27.48 17.37 6.15
CA LYS A 222 28.21 18.62 6.39
C LYS A 222 27.58 19.73 5.53
N PRO A 223 27.60 20.99 6.00
CA PRO A 223 26.96 22.09 5.22
C PRO A 223 27.52 22.33 3.82
N THR A 224 28.71 21.79 3.55
CA THR A 224 29.39 21.95 2.26
C THR A 224 29.39 20.71 1.37
N ASP A 225 28.71 19.64 1.79
CA ASP A 225 28.65 18.44 0.96
C ASP A 225 28.03 18.75 -0.41
N PRO A 226 28.51 18.05 -1.46
CA PRO A 226 28.06 18.36 -2.83
C PRO A 226 26.55 18.24 -3.14
N GLY A 227 25.82 17.41 -2.39
CA GLY A 227 24.38 17.26 -2.55
C GLY A 227 23.59 18.05 -1.52
N ILE A 228 24.31 18.76 -0.66
CA ILE A 228 23.71 19.63 0.36
C ILE A 228 23.73 21.09 -0.12
N LEU A 229 24.88 21.48 -0.68
CA LEU A 229 25.09 22.83 -1.23
C LEU A 229 25.30 22.73 -2.74
N PHE A 230 24.25 23.09 -3.48
CA PHE A 230 24.23 22.92 -4.95
C PHE A 230 23.11 23.75 -5.54
N ASN A 231 23.17 23.96 -6.86
CA ASN A 231 22.17 24.76 -7.53
C ASN A 231 21.06 23.88 -8.12
N PRO A 232 19.83 23.96 -7.59
CA PRO A 232 18.74 23.15 -8.14
C PRO A 232 18.05 23.75 -9.38
N TYR A 233 18.45 24.95 -9.77
CA TYR A 233 17.74 25.69 -10.82
C TYR A 233 18.52 25.72 -12.12
N THR A 234 19.20 24.62 -12.40
CA THR A 234 19.92 24.42 -13.65
C THR A 234 19.84 22.94 -13.99
N THR A 235 20.05 22.59 -15.27
CA THR A 235 20.05 21.18 -15.67
C THR A 235 21.14 20.41 -14.92
N ILE A 236 20.76 19.29 -14.30
CA ILE A 236 21.69 18.48 -13.51
C ILE A 236 21.94 17.14 -14.19
N THR A 237 23.21 16.84 -14.45
CA THR A 237 23.58 15.58 -15.11
C THR A 237 24.20 14.58 -14.16
N SER A 238 24.63 15.06 -12.99
CA SER A 238 25.24 14.24 -11.97
C SER A 238 24.89 14.82 -10.59
N TYR A 239 24.38 13.97 -9.70
CA TYR A 239 24.03 14.41 -8.32
C TYR A 239 24.49 13.36 -7.30
N THR A 240 25.18 13.81 -6.25
CA THR A 240 25.64 12.92 -5.18
C THR A 240 24.62 13.02 -4.04
N ILE A 241 23.81 11.99 -3.87
CA ILE A 241 22.82 11.97 -2.81
C ILE A 241 23.59 12.00 -1.46
N PRO A 242 23.24 12.94 -0.57
CA PRO A 242 23.96 13.05 0.70
C PRO A 242 23.89 11.80 1.61
N GLY A 243 24.81 11.74 2.58
CA GLY A 243 24.82 10.66 3.56
C GLY A 243 25.73 9.52 3.15
N PRO A 244 25.92 8.57 4.06
CA PRO A 244 26.77 7.40 3.80
C PRO A 244 26.16 6.41 2.82
N ALA A 245 26.95 5.41 2.45
CA ALA A 245 26.57 4.44 1.40
C ALA A 245 25.36 3.58 1.75
N LEU A 246 24.53 3.34 0.74
CA LEU A 246 23.40 2.46 0.80
C LEU A 246 23.85 1.05 1.21
N TRP A 247 23.13 0.46 2.17
CA TRP A 247 23.36 -0.91 2.57
C TRP A 247 22.46 -1.81 1.75
N HIS B 20 -23.16 -3.80 -0.69
CA HIS B 20 -23.11 -2.86 -1.87
C HIS B 20 -21.85 -2.01 -1.87
N GLY B 21 -21.28 -1.85 -3.06
CA GLY B 21 -20.02 -1.12 -3.25
C GLY B 21 -19.37 -1.61 -4.55
N GLN B 22 -18.29 -0.94 -4.95
CA GLN B 22 -17.52 -1.34 -6.15
C GLN B 22 -16.04 -1.05 -5.92
N VAL B 23 -15.19 -1.65 -6.75
CA VAL B 23 -13.77 -1.34 -6.71
C VAL B 23 -13.63 -0.04 -7.47
N GLN B 24 -13.28 1.04 -6.77
CA GLN B 24 -13.14 2.38 -7.41
C GLN B 24 -11.72 2.70 -7.92
N ASN B 25 -10.73 2.06 -7.32
CA ASN B 25 -9.32 2.23 -7.68
C ASN B 25 -8.50 1.13 -7.02
N PHE B 26 -7.22 1.06 -7.37
CA PHE B 26 -6.33 0.02 -6.83
C PHE B 26 -4.87 0.45 -6.94
N THR B 27 -4.02 -0.11 -6.10
CA THR B 27 -2.58 0.12 -6.20
C THR B 27 -1.89 -1.13 -6.68
N ILE B 28 -0.82 -0.94 -7.44
CA ILE B 28 0.09 -2.01 -7.79
C ILE B 28 1.44 -1.60 -7.21
N ASN B 29 1.96 -2.38 -6.27
CA ASN B 29 3.18 -1.97 -5.53
C ASN B 29 3.07 -0.54 -5.02
N GLY B 30 1.89 -0.16 -4.56
CA GLY B 30 1.67 1.17 -4.00
C GLY B 30 1.39 2.28 -4.99
N GLN B 31 1.47 1.98 -6.29
CA GLN B 31 1.21 2.98 -7.35
C GLN B 31 -0.28 3.04 -7.71
N TYR B 32 -0.86 4.24 -7.65
CA TYR B 32 -2.29 4.42 -7.91
C TYR B 32 -2.72 4.12 -9.35
N ASN B 33 -3.78 3.33 -9.48
CA ASN B 33 -4.47 3.08 -10.76
C ASN B 33 -5.96 3.40 -10.61
N GLN B 34 -6.50 4.18 -11.54
CA GLN B 34 -7.92 4.51 -11.52
C GLN B 34 -8.76 3.31 -11.92
N GLY B 35 -9.83 3.06 -11.18
CA GLY B 35 -10.77 1.99 -11.53
C GLY B 35 -12.02 2.59 -12.15
N PHE B 36 -12.99 1.73 -12.49
CA PHE B 36 -14.24 2.22 -13.02
C PHE B 36 -15.12 2.69 -11.87
N ILE B 37 -15.64 3.92 -11.95
CA ILE B 37 -16.55 4.44 -10.92
C ILE B 37 -17.93 4.75 -11.50
N LEU B 38 -18.95 4.71 -10.65
CA LEU B 38 -20.33 4.89 -11.11
C LEU B 38 -20.50 6.21 -11.88
N ASP B 39 -19.80 7.26 -11.46
CA ASP B 39 -19.84 8.55 -12.19
C ASP B 39 -19.53 8.41 -13.70
N TYR B 40 -18.68 7.44 -14.05
CA TYR B 40 -18.30 7.26 -15.46
C TYR B 40 -19.47 6.73 -16.30
N TYR B 41 -20.35 5.96 -15.66
CA TYR B 41 -21.56 5.49 -16.34
C TYR B 41 -22.36 6.71 -16.80
N TYR B 42 -22.47 7.69 -15.91
CA TYR B 42 -23.29 8.88 -16.18
C TYR B 42 -22.59 9.81 -17.17
N GLN B 43 -21.27 9.91 -17.07
CA GLN B 43 -20.49 10.65 -18.09
C GLN B 43 -20.72 10.08 -19.49
N LYS B 44 -20.75 8.75 -19.61
CA LYS B 44 -21.06 8.11 -20.89
C LYS B 44 -22.46 8.50 -21.40
N GLN B 45 -23.46 8.48 -20.51
CA GLN B 45 -24.84 8.80 -20.89
C GLN B 45 -24.96 10.20 -21.49
N ASN B 46 -24.28 11.14 -20.82
CA ASN B 46 -24.49 12.58 -21.03
C ASN B 46 -23.50 13.16 -22.07
N THR B 47 -22.34 12.54 -22.22
CA THR B 47 -21.29 12.99 -23.17
C THR B 47 -20.84 11.97 -24.22
N GLY B 48 -21.16 10.69 -24.03
CA GLY B 48 -20.77 9.64 -24.97
C GLY B 48 -19.42 8.98 -24.73
N HIS B 49 -18.69 9.48 -23.73
CA HIS B 49 -17.44 8.84 -23.31
C HIS B 49 -17.13 9.13 -21.84
N PHE B 50 -16.09 8.46 -21.36
CA PHE B 50 -15.60 8.60 -19.99
C PHE B 50 -14.09 8.26 -19.98
N PRO B 51 -13.39 8.60 -18.89
CA PRO B 51 -11.94 8.34 -18.87
C PRO B 51 -11.57 6.88 -19.15
N ASN B 52 -10.50 6.67 -19.91
CA ASN B 52 -9.99 5.34 -20.19
C ASN B 52 -9.31 4.76 -18.96
N VAL B 53 -9.84 3.63 -18.50
CA VAL B 53 -9.36 2.98 -17.26
C VAL B 53 -9.22 1.47 -17.40
N ALA B 54 -8.43 0.87 -16.49
CA ALA B 54 -8.24 -0.59 -16.47
C ALA B 54 -9.44 -1.34 -15.88
N GLY B 55 -10.25 -0.66 -15.07
CA GLY B 55 -11.44 -1.32 -14.47
C GLY B 55 -12.54 -1.47 -15.51
N TRP B 56 -13.25 -2.60 -15.48
CA TRP B 56 -14.33 -2.84 -16.46
C TRP B 56 -15.56 -1.95 -16.27
N TYR B 57 -16.15 -1.55 -17.40
CA TYR B 57 -17.47 -0.93 -17.37
C TYR B 57 -18.48 -1.95 -16.79
N ALA B 58 -19.35 -1.49 -15.90
CA ALA B 58 -20.49 -2.28 -15.39
C ALA B 58 -21.67 -1.34 -15.08
N GLU B 59 -22.88 -1.89 -15.14
CA GLU B 59 -24.04 -1.00 -15.04
C GLU B 59 -25.09 -1.39 -14.00
N ASP B 60 -24.64 -1.97 -12.89
CA ASP B 60 -25.51 -2.04 -11.72
C ASP B 60 -25.50 -0.68 -11.02
N LEU B 61 -26.59 0.07 -11.19
CA LEU B 61 -26.62 1.49 -10.81
C LEU B 61 -26.76 1.70 -9.29
N ASP B 62 -26.97 0.59 -8.58
CA ASP B 62 -27.06 0.60 -7.12
C ASP B 62 -25.82 -0.01 -6.48
N LEU B 63 -24.85 -0.42 -7.31
CA LEU B 63 -23.63 -1.10 -6.84
C LEU B 63 -24.00 -2.37 -6.07
N GLY B 64 -25.05 -3.04 -6.55
CA GLY B 64 -25.55 -4.27 -5.93
C GLY B 64 -24.80 -5.51 -6.37
N PHE B 65 -25.53 -6.61 -6.32
CA PHE B 65 -24.96 -7.94 -6.43
C PHE B 65 -25.53 -8.81 -7.54
N ILE B 66 -24.84 -9.91 -7.82
CA ILE B 66 -25.32 -10.99 -8.67
C ILE B 66 -25.73 -12.16 -7.76
N SER B 67 -26.94 -12.70 -7.99
CA SER B 67 -27.51 -13.77 -7.13
C SER B 67 -27.27 -15.16 -7.73
N PRO B 68 -27.40 -16.22 -6.91
CA PRO B 68 -27.25 -17.60 -7.38
C PRO B 68 -28.10 -17.97 -8.59
N ASP B 69 -29.29 -17.38 -8.71
CA ASP B 69 -30.13 -17.62 -9.89
C ASP B 69 -29.59 -16.97 -11.17
N GLN B 70 -28.45 -16.28 -11.06
CA GLN B 70 -27.77 -15.72 -12.22
C GLN B 70 -26.39 -16.37 -12.45
N TYR B 71 -26.08 -17.45 -11.70
CA TYR B 71 -24.74 -18.06 -11.75
C TYR B 71 -24.36 -18.69 -13.10
N THR B 72 -25.35 -18.92 -13.97
CA THR B 72 -25.09 -19.47 -15.31
C THR B 72 -25.22 -18.43 -16.40
N THR B 73 -25.38 -17.15 -16.02
CA THR B 73 -25.55 -16.03 -16.95
C THR B 73 -24.27 -15.20 -17.11
N PRO B 74 -24.12 -14.50 -18.25
CA PRO B 74 -22.93 -13.64 -18.45
C PRO B 74 -22.68 -12.59 -17.37
N ASP B 75 -23.71 -12.19 -16.61
CA ASP B 75 -23.49 -11.17 -15.57
C ASP B 75 -22.54 -11.66 -14.45
N ILE B 76 -22.40 -12.97 -14.28
CA ILE B 76 -21.49 -13.48 -13.25
C ILE B 76 -20.00 -13.29 -13.66
N VAL B 77 -19.72 -13.05 -14.95
CA VAL B 77 -18.30 -12.96 -15.35
C VAL B 77 -17.63 -11.73 -14.69
N CYS B 78 -18.13 -10.54 -14.99
CA CYS B 78 -17.54 -9.28 -14.52
C CYS B 78 -18.61 -8.27 -14.08
N HIS B 79 -19.79 -8.78 -13.68
CA HIS B 79 -20.90 -7.99 -13.15
C HIS B 79 -21.81 -7.49 -14.29
N LYS B 80 -22.86 -6.75 -13.93
CA LYS B 80 -23.98 -6.50 -14.84
C LYS B 80 -23.60 -5.80 -16.16
N ASN B 81 -23.90 -6.51 -17.26
CA ASN B 81 -23.66 -6.02 -18.63
C ASN B 81 -22.25 -5.43 -18.80
N ALA B 82 -21.27 -6.09 -18.16
CA ALA B 82 -19.94 -5.55 -18.10
C ALA B 82 -19.23 -5.65 -19.46
N ALA B 83 -18.28 -4.73 -19.63
CA ALA B 83 -17.43 -4.65 -20.82
C ALA B 83 -16.01 -4.25 -20.42
N PRO B 84 -15.01 -4.71 -21.17
CA PRO B 84 -13.62 -4.47 -20.84
C PRO B 84 -13.22 -3.00 -20.70
N GLY B 85 -12.31 -2.74 -19.77
CA GLY B 85 -11.66 -1.43 -19.66
C GLY B 85 -10.96 -1.13 -20.99
N ALA B 86 -10.88 0.16 -21.32
CA ALA B 86 -10.29 0.62 -22.59
C ALA B 86 -8.76 0.52 -22.62
N ILE B 87 -8.15 0.41 -21.45
CA ILE B 87 -6.71 0.27 -21.29
C ILE B 87 -6.42 -0.83 -20.27
N SER B 88 -5.14 -1.13 -20.10
CA SER B 88 -4.73 -2.13 -19.14
C SER B 88 -3.67 -1.54 -18.22
N ALA B 89 -3.69 -1.98 -16.96
CA ALA B 89 -2.60 -1.70 -16.02
C ALA B 89 -1.42 -2.62 -16.32
N THR B 90 -0.34 -2.45 -15.57
CA THR B 90 0.81 -3.33 -15.74
C THR B 90 1.49 -3.70 -14.40
N ALA B 91 1.96 -4.94 -14.30
CA ALA B 91 2.54 -5.44 -13.04
C ALA B 91 3.53 -6.58 -13.23
N ALA B 92 4.67 -6.52 -12.55
CA ALA B 92 5.58 -7.66 -12.50
C ALA B 92 4.92 -8.81 -11.76
N ALA B 93 5.08 -10.04 -12.24
CA ALA B 93 4.69 -11.21 -11.46
C ALA B 93 5.35 -11.14 -10.07
N GLY B 94 4.60 -11.46 -9.02
CA GLY B 94 5.06 -11.28 -7.64
C GLY B 94 4.60 -10.00 -6.96
N SER B 95 4.08 -9.05 -7.76
CA SER B 95 3.59 -7.76 -7.24
C SER B 95 2.31 -7.91 -6.42
N ASN B 96 2.11 -6.98 -5.48
CA ASN B 96 0.88 -6.91 -4.72
C ASN B 96 -0.10 -5.91 -5.32
N ILE B 97 -1.32 -6.37 -5.58
CA ILE B 97 -2.42 -5.48 -5.96
C ILE B 97 -3.17 -5.21 -4.68
N VAL B 98 -3.57 -3.97 -4.44
CA VAL B 98 -4.50 -3.67 -3.36
C VAL B 98 -5.77 -3.05 -3.94
N PHE B 99 -6.86 -3.80 -3.92
CA PHE B 99 -8.16 -3.32 -4.37
C PHE B 99 -8.83 -2.42 -3.34
N GLN B 100 -9.28 -1.24 -3.77
CA GLN B 100 -9.97 -0.31 -2.87
C GLN B 100 -11.45 -0.20 -3.21
N TRP B 101 -12.28 -0.66 -2.27
CA TRP B 101 -13.73 -0.67 -2.42
C TRP B 101 -14.35 0.64 -1.89
N GLY B 102 -15.53 1.00 -2.40
CA GLY B 102 -16.21 2.21 -1.96
C GLY B 102 -17.45 2.46 -2.79
N PRO B 103 -18.03 3.67 -2.69
CA PRO B 103 -17.56 4.84 -1.93
C PRO B 103 -17.69 4.75 -0.40
N GLY B 104 -18.68 4.01 0.10
CA GLY B 104 -18.94 3.91 1.53
C GLY B 104 -18.22 2.74 2.17
N VAL B 105 -18.30 2.66 3.50
CA VAL B 105 -17.76 1.51 4.23
C VAL B 105 -18.50 0.25 3.80
N TRP B 106 -17.75 -0.82 3.50
CA TRP B 106 -18.35 -2.08 3.10
C TRP B 106 -19.36 -2.53 4.18
N PRO B 107 -20.63 -2.75 3.79
CA PRO B 107 -21.66 -3.04 4.78
C PRO B 107 -21.76 -4.43 5.42
N HIS B 108 -20.94 -5.42 5.01
CA HIS B 108 -21.34 -6.83 4.86
C HIS B 108 -20.14 -7.54 5.56
N PRO B 109 -20.26 -7.85 6.87
CA PRO B 109 -19.14 -8.47 7.60
C PRO B 109 -19.01 -10.01 7.52
N TYR B 110 -19.98 -10.66 6.86
CA TYR B 110 -19.99 -12.11 6.73
C TYR B 110 -19.66 -12.54 5.30
N GLY B 111 -18.69 -13.44 5.19
CA GLY B 111 -18.42 -14.07 3.89
C GLY B 111 -16.97 -14.03 3.45
N PRO B 112 -16.64 -14.91 2.50
CA PRO B 112 -15.27 -15.02 1.99
C PRO B 112 -14.94 -14.00 0.88
N ILE B 113 -13.65 -13.92 0.56
CA ILE B 113 -13.14 -13.08 -0.50
C ILE B 113 -12.26 -13.95 -1.40
N VAL B 114 -12.50 -13.89 -2.72
CA VAL B 114 -11.75 -14.72 -3.68
C VAL B 114 -11.31 -13.87 -4.89
N THR B 115 -10.18 -14.24 -5.50
CA THR B 115 -9.71 -13.52 -6.68
C THR B 115 -9.20 -14.56 -7.68
N TYR B 116 -9.59 -14.34 -8.94
CA TYR B 116 -9.23 -15.20 -10.07
C TYR B 116 -8.43 -14.40 -11.12
N VAL B 117 -7.76 -15.14 -12.00
CA VAL B 117 -7.08 -14.53 -13.16
C VAL B 117 -7.42 -15.35 -14.40
N VAL B 118 -7.56 -14.65 -15.52
CA VAL B 118 -7.72 -15.30 -16.83
C VAL B 118 -6.83 -14.61 -17.86
N GLU B 119 -6.31 -15.39 -18.79
CA GLU B 119 -5.57 -14.82 -19.92
C GLU B 119 -6.50 -14.44 -21.08
N CYS B 120 -6.14 -13.34 -21.77
CA CYS B 120 -6.83 -12.90 -23.00
C CYS B 120 -6.10 -13.39 -24.24
N SER B 121 -6.88 -13.82 -25.23
CA SER B 121 -6.40 -13.99 -26.59
C SER B 121 -6.42 -12.57 -27.19
N GLY B 122 -5.25 -12.02 -27.50
CA GLY B 122 -5.13 -10.63 -27.95
C GLY B 122 -5.22 -9.66 -26.78
N SER B 123 -5.64 -8.43 -27.05
CA SER B 123 -5.77 -7.41 -26.02
C SER B 123 -6.97 -7.70 -25.14
N CYS B 124 -6.78 -7.56 -23.82
CA CYS B 124 -7.94 -7.66 -22.93
C CYS B 124 -8.96 -6.53 -23.16
N THR B 125 -8.54 -5.44 -23.81
CA THR B 125 -9.42 -4.32 -24.04
C THR B 125 -10.52 -4.64 -25.07
N THR B 126 -10.36 -5.75 -25.79
CA THR B 126 -11.33 -6.16 -26.82
C THR B 126 -11.78 -7.63 -26.74
N VAL B 127 -11.55 -8.25 -25.58
CA VAL B 127 -11.90 -9.64 -25.38
C VAL B 127 -13.41 -9.87 -25.28
N ASN B 128 -13.87 -11.06 -25.70
CA ASN B 128 -15.21 -11.56 -25.45
C ASN B 128 -15.18 -12.22 -24.06
N LYS B 129 -15.83 -11.57 -23.08
CA LYS B 129 -15.76 -12.04 -21.68
C LYS B 129 -16.25 -13.48 -21.48
N ASN B 130 -17.16 -13.90 -22.35
CA ASN B 130 -17.76 -15.21 -22.25
C ASN B 130 -16.78 -16.35 -22.57
N ASN B 131 -15.66 -15.99 -23.18
CA ASN B 131 -14.62 -16.97 -23.51
C ASN B 131 -13.47 -17.02 -22.49
N LEU B 132 -13.52 -16.15 -21.47
CA LEU B 132 -12.48 -16.15 -20.42
C LEU B 132 -12.60 -17.40 -19.53
N ARG B 133 -11.46 -17.94 -19.13
CA ARG B 133 -11.43 -19.13 -18.27
C ARG B 133 -10.59 -18.79 -17.03
N TRP B 134 -11.20 -18.97 -15.85
CA TRP B 134 -10.65 -18.38 -14.61
C TRP B 134 -9.89 -19.39 -13.77
N VAL B 135 -8.78 -18.92 -13.22
CA VAL B 135 -7.93 -19.67 -12.28
C VAL B 135 -7.88 -18.94 -10.94
N LYS B 136 -8.24 -19.63 -9.86
CA LYS B 136 -8.25 -19.02 -8.53
C LYS B 136 -6.81 -18.77 -8.06
N ILE B 137 -6.49 -17.54 -7.69
CA ILE B 137 -5.15 -17.21 -7.16
C ILE B 137 -5.14 -16.72 -5.70
N GLN B 138 -6.34 -16.51 -5.13
CA GLN B 138 -6.45 -16.03 -3.72
C GLN B 138 -7.81 -16.42 -3.16
N GLU B 139 -7.82 -16.86 -1.91
CA GLU B 139 -9.07 -17.12 -1.23
C GLU B 139 -8.86 -16.97 0.27
N ALA B 140 -9.88 -16.42 0.92
CA ALA B 140 -9.87 -16.25 2.39
C ALA B 140 -11.29 -16.41 2.88
N GLY B 141 -11.46 -17.20 3.95
CA GLY B 141 -12.77 -17.53 4.47
C GLY B 141 -12.94 -16.97 5.88
N ILE B 142 -13.25 -17.88 6.81
CA ILE B 142 -13.41 -17.53 8.23
C ILE B 142 -12.22 -18.10 9.03
N ASN B 143 -11.70 -17.30 9.97
CA ASN B 143 -10.66 -17.77 10.89
C ASN B 143 -11.41 -18.55 11.96
N TYR B 144 -11.08 -19.83 12.11
CA TYR B 144 -11.90 -20.72 12.94
C TYR B 144 -11.78 -20.36 14.42
N ASN B 145 -10.62 -19.86 14.80
CA ASN B 145 -10.39 -19.50 16.21
C ASN B 145 -10.99 -18.17 16.67
N THR B 146 -11.12 -17.20 15.76
CA THR B 146 -11.71 -15.90 16.10
C THR B 146 -13.17 -15.81 15.64
N GLN B 147 -13.53 -16.70 14.70
CA GLN B 147 -14.83 -16.71 14.01
C GLN B 147 -15.07 -15.42 13.21
N VAL B 148 -13.97 -14.76 12.80
CA VAL B 148 -14.05 -13.52 12.01
C VAL B 148 -13.82 -13.82 10.52
N TRP B 149 -14.74 -13.33 9.67
CA TRP B 149 -14.64 -13.48 8.20
C TRP B 149 -13.72 -12.47 7.51
N ALA B 150 -13.24 -12.87 6.33
CA ALA B 150 -12.45 -12.00 5.48
C ALA B 150 -13.10 -10.62 5.25
N GLN B 151 -14.41 -10.58 5.01
CA GLN B 151 -15.08 -9.30 4.75
C GLN B 151 -15.08 -8.36 5.97
N GLN B 152 -15.11 -8.93 7.19
CA GLN B 152 -14.88 -8.09 8.38
C GLN B 152 -13.46 -7.52 8.38
N ASP B 153 -12.47 -8.35 8.01
CA ASP B 153 -11.09 -7.87 7.90
C ASP B 153 -11.00 -6.74 6.86
N LEU B 154 -11.70 -6.90 5.73
CA LEU B 154 -11.83 -5.85 4.71
C LEU B 154 -12.30 -4.53 5.32
N ILE B 155 -13.39 -4.60 6.09
CA ILE B 155 -13.94 -3.42 6.80
C ILE B 155 -12.88 -2.78 7.74
N ASN B 156 -12.23 -3.62 8.55
CA ASN B 156 -11.18 -3.15 9.47
C ASN B 156 -9.96 -2.58 8.77
N GLN B 157 -9.73 -2.99 7.53
CA GLN B 157 -8.58 -2.55 6.74
C GLN B 157 -8.89 -1.34 5.85
N GLY B 158 -9.98 -0.64 6.14
CA GLY B 158 -10.30 0.57 5.36
C GLY B 158 -10.71 0.24 3.94
N ASN B 159 -11.43 -0.87 3.81
CA ASN B 159 -12.06 -1.27 2.53
C ASN B 159 -11.03 -1.68 1.50
N LYS B 160 -9.86 -2.11 1.96
CA LYS B 160 -8.75 -2.49 1.09
C LYS B 160 -8.48 -3.98 1.20
N TRP B 161 -8.19 -4.62 0.07
CA TRP B 161 -7.82 -6.04 0.03
C TRP B 161 -6.57 -6.30 -0.81
N THR B 162 -5.58 -6.93 -0.18
CA THR B 162 -4.32 -7.24 -0.87
C THR B 162 -4.31 -8.62 -1.55
N VAL B 163 -3.84 -8.66 -2.80
CA VAL B 163 -3.74 -9.90 -3.56
C VAL B 163 -2.38 -9.95 -4.28
N LYS B 164 -1.66 -11.05 -4.09
CA LYS B 164 -0.34 -11.20 -4.71
C LYS B 164 -0.50 -11.88 -6.07
N ILE B 165 0.13 -11.32 -7.09
CA ILE B 165 0.22 -11.99 -8.39
C ILE B 165 1.30 -13.07 -8.27
N PRO B 166 0.94 -14.34 -8.56
CA PRO B 166 1.92 -15.43 -8.42
C PRO B 166 3.23 -15.13 -9.14
N SER B 167 4.32 -15.36 -8.44
CA SER B 167 5.66 -15.05 -8.93
C SER B 167 6.01 -15.85 -10.19
N SER B 168 5.40 -17.03 -10.30
CA SER B 168 5.66 -17.94 -11.44
C SER B 168 4.85 -17.62 -12.71
N LEU B 169 3.88 -16.71 -12.62
CA LEU B 169 3.02 -16.40 -13.78
C LEU B 169 3.76 -15.74 -14.95
N ARG B 170 3.72 -16.39 -16.10
CA ARG B 170 4.44 -15.92 -17.29
C ARG B 170 3.86 -14.61 -17.81
N PRO B 171 4.70 -13.75 -18.44
CA PRO B 171 4.14 -12.56 -19.05
C PRO B 171 2.95 -12.84 -19.99
N GLY B 172 2.01 -11.90 -20.03
CA GLY B 172 0.79 -12.03 -20.84
C GLY B 172 -0.19 -10.93 -20.51
N ASN B 173 -1.29 -10.90 -21.27
CA ASN B 173 -2.42 -9.97 -21.03
C ASN B 173 -3.47 -10.73 -20.21
N TYR B 174 -3.74 -10.23 -19.02
CA TYR B 174 -4.71 -10.90 -18.12
C TYR B 174 -5.81 -9.96 -17.61
N VAL B 175 -6.89 -10.58 -17.15
CA VAL B 175 -7.95 -9.91 -16.39
C VAL B 175 -7.96 -10.57 -15.01
N PHE B 176 -8.09 -9.73 -13.97
CA PHE B 176 -8.23 -10.22 -12.61
C PHE B 176 -9.68 -9.94 -12.20
N ARG B 177 -10.31 -10.98 -11.64
CA ARG B 177 -11.69 -10.91 -11.20
C ARG B 177 -11.71 -11.07 -9.68
N HIS B 178 -11.94 -9.95 -9.00
CA HIS B 178 -11.88 -9.88 -7.52
C HIS B 178 -13.32 -9.84 -7.00
N GLU B 179 -13.65 -10.70 -6.02
CA GLU B 179 -15.06 -10.95 -5.69
C GLU B 179 -15.31 -11.11 -4.19
N LEU B 180 -16.31 -10.37 -3.71
CA LEU B 180 -16.77 -10.55 -2.32
C LEU B 180 -18.04 -11.38 -2.37
N LEU B 181 -18.14 -12.42 -1.54
CA LEU B 181 -19.36 -13.23 -1.50
C LEU B 181 -20.03 -12.97 -0.13
N ALA B 182 -20.90 -11.96 -0.09
CA ALA B 182 -21.56 -11.54 1.16
C ALA B 182 -22.62 -12.55 1.57
N ALA B 183 -22.42 -13.14 2.77
CA ALA B 183 -23.12 -14.37 3.13
C ALA B 183 -24.13 -14.22 4.26
N HIS B 184 -24.46 -12.99 4.62
CA HIS B 184 -25.41 -12.77 5.73
C HIS B 184 -26.77 -13.44 5.49
N GLY B 185 -27.17 -13.56 4.21
CA GLY B 185 -28.41 -14.23 3.81
C GLY B 185 -28.24 -15.64 3.25
N ALA B 186 -27.05 -16.22 3.44
CA ALA B 186 -26.69 -17.46 2.73
C ALA B 186 -27.38 -18.73 3.23
N SER B 187 -28.04 -18.68 4.39
CA SER B 187 -28.75 -19.87 4.88
C SER B 187 -30.03 -20.14 4.09
N SER B 188 -30.47 -19.16 3.29
CA SER B 188 -31.61 -19.32 2.40
C SER B 188 -31.19 -19.53 0.95
N ALA B 189 -31.93 -20.38 0.24
CA ALA B 189 -31.73 -20.58 -1.21
C ALA B 189 -31.76 -19.25 -1.92
N ASN B 190 -30.79 -19.06 -2.82
CA ASN B 190 -30.65 -17.79 -3.59
C ASN B 190 -30.24 -16.58 -2.73
N GLY B 191 -29.77 -16.82 -1.51
CA GLY B 191 -29.46 -15.74 -0.57
C GLY B 191 -28.07 -15.11 -0.66
N MET B 192 -27.08 -15.90 -1.09
CA MET B 192 -25.69 -15.41 -1.24
C MET B 192 -25.69 -14.20 -2.19
N GLN B 193 -24.86 -13.20 -1.88
CA GLN B 193 -24.74 -12.02 -2.74
C GLN B 193 -23.33 -11.93 -3.30
N ASN B 194 -23.16 -12.07 -4.63
CA ASN B 194 -21.80 -11.98 -5.22
C ASN B 194 -21.50 -10.60 -5.79
N TYR B 195 -20.30 -10.10 -5.50
CA TYR B 195 -19.89 -8.78 -5.96
C TYR B 195 -18.57 -8.90 -6.74
N PRO B 196 -18.64 -9.40 -8.02
CA PRO B 196 -17.41 -9.50 -8.81
C PRO B 196 -17.01 -8.20 -9.48
N GLN B 197 -15.71 -7.94 -9.54
CA GLN B 197 -15.17 -6.74 -10.19
C GLN B 197 -13.93 -7.12 -10.99
N CYS B 198 -13.89 -6.69 -12.26
CA CYS B 198 -12.78 -7.08 -13.13
C CYS B 198 -11.85 -5.92 -13.47
N VAL B 199 -10.56 -6.20 -13.55
CA VAL B 199 -9.57 -5.19 -13.96
C VAL B 199 -8.55 -5.80 -14.91
N ASN B 200 -8.17 -5.02 -15.93
CA ASN B 200 -7.17 -5.46 -16.89
C ASN B 200 -5.78 -5.15 -16.34
N ILE B 201 -4.99 -6.20 -16.16
CA ILE B 201 -3.58 -6.06 -15.72
C ILE B 201 -2.68 -6.97 -16.57
N ALA B 202 -1.82 -6.36 -17.38
CA ALA B 202 -0.81 -7.15 -18.09
C ALA B 202 0.33 -7.51 -17.12
N VAL B 203 0.82 -8.74 -17.22
CA VAL B 203 1.84 -9.20 -16.28
C VAL B 203 3.17 -9.30 -17.00
N THR B 204 4.22 -8.87 -16.32
CA THR B 204 5.59 -8.84 -16.84
C THR B 204 6.55 -9.55 -15.88
N GLY B 205 7.82 -9.58 -16.26
CA GLY B 205 8.85 -10.07 -15.37
C GLY B 205 9.36 -11.45 -15.72
N SER B 206 9.72 -12.21 -14.70
CA SER B 206 10.52 -13.41 -14.87
C SER B 206 9.78 -14.75 -14.67
N GLY B 207 8.46 -14.69 -14.52
CA GLY B 207 7.67 -15.93 -14.40
C GLY B 207 7.73 -16.73 -15.68
N THR B 208 7.65 -18.06 -15.56
CA THR B 208 7.70 -18.93 -16.73
C THR B 208 6.52 -19.92 -16.88
N LYS B 209 5.59 -19.92 -15.93
CA LYS B 209 4.48 -20.90 -15.95
C LYS B 209 3.24 -20.35 -16.66
N ALA B 210 2.66 -21.17 -17.54
CA ALA B 210 1.43 -20.83 -18.22
C ALA B 210 0.26 -21.04 -17.25
N LEU B 211 -0.77 -20.20 -17.34
CA LEU B 211 -2.01 -20.52 -16.61
C LEU B 211 -2.60 -21.85 -17.08
N PRO B 212 -3.13 -22.67 -16.14
CA PRO B 212 -3.81 -23.90 -16.59
C PRO B 212 -5.18 -23.61 -17.21
N ALA B 213 -5.89 -24.67 -17.60
CA ALA B 213 -7.16 -24.54 -18.33
C ALA B 213 -8.20 -23.64 -17.64
N GLY B 214 -8.33 -23.77 -16.33
CA GLY B 214 -9.27 -22.90 -15.60
C GLY B 214 -10.73 -23.24 -15.87
N THR B 215 -11.61 -22.34 -15.43
CA THR B 215 -13.04 -22.62 -15.32
C THR B 215 -13.86 -21.42 -15.89
N PRO B 216 -14.80 -21.66 -16.82
CA PRO B 216 -15.68 -20.55 -17.23
C PRO B 216 -16.40 -19.96 -16.00
N ALA B 217 -16.62 -18.66 -16.00
CA ALA B 217 -17.29 -18.02 -14.81
C ALA B 217 -18.67 -18.64 -14.51
N THR B 218 -19.40 -19.04 -15.56
CA THR B 218 -20.72 -19.65 -15.41
C THR B 218 -20.67 -21.07 -14.81
N GLN B 219 -19.47 -21.60 -14.57
CA GLN B 219 -19.28 -22.89 -13.90
C GLN B 219 -18.58 -22.80 -12.52
N LEU B 220 -18.36 -21.58 -12.03
CA LEU B 220 -17.69 -21.40 -10.73
C LEU B 220 -18.52 -21.90 -9.55
N TYR B 221 -19.80 -21.52 -9.53
CA TYR B 221 -20.66 -21.75 -8.38
C TYR B 221 -22.01 -22.35 -8.77
N LYS B 222 -22.56 -23.16 -7.86
CA LYS B 222 -23.94 -23.65 -7.97
C LYS B 222 -24.73 -23.14 -6.75
N PRO B 223 -26.06 -22.90 -6.90
CA PRO B 223 -26.84 -22.40 -5.75
C PRO B 223 -26.86 -23.29 -4.51
N THR B 224 -26.47 -24.56 -4.66
CA THR B 224 -26.49 -25.54 -3.56
C THR B 224 -25.11 -25.91 -3.00
N ASP B 225 -24.04 -25.35 -3.57
CA ASP B 225 -22.68 -25.61 -3.05
C ASP B 225 -22.57 -25.35 -1.52
N PRO B 226 -21.75 -26.16 -0.80
CA PRO B 226 -21.66 -26.09 0.68
C PRO B 226 -21.18 -24.74 1.27
N GLY B 227 -20.46 -23.95 0.48
CA GLY B 227 -20.06 -22.61 0.93
C GLY B 227 -20.91 -21.48 0.36
N ILE B 228 -21.90 -21.84 -0.47
CA ILE B 228 -22.85 -20.88 -1.02
C ILE B 228 -24.16 -20.91 -0.22
N LEU B 229 -24.60 -22.12 0.12
CA LEU B 229 -25.82 -22.34 0.92
C LEU B 229 -25.37 -23.01 2.22
N PHE B 230 -25.32 -22.20 3.27
CA PHE B 230 -24.84 -22.63 4.58
C PHE B 230 -25.31 -21.65 5.65
N ASN B 231 -25.17 -22.07 6.90
CA ASN B 231 -25.56 -21.22 8.02
C ASN B 231 -24.37 -20.44 8.61
N PRO B 232 -24.39 -19.11 8.44
CA PRO B 232 -23.33 -18.31 9.05
C PRO B 232 -23.56 -18.02 10.54
N TYR B 233 -24.73 -18.36 11.07
CA TYR B 233 -25.09 -17.98 12.45
C TYR B 233 -24.98 -19.13 13.44
N THR B 234 -23.86 -19.82 13.34
CA THR B 234 -23.52 -20.90 14.23
C THR B 234 -22.00 -20.88 14.35
N THR B 235 -21.45 -21.64 15.29
CA THR B 235 -20.01 -21.76 15.38
C THR B 235 -19.55 -22.65 14.24
N ILE B 236 -18.68 -22.12 13.39
CA ILE B 236 -18.20 -22.85 12.23
C ILE B 236 -16.81 -23.41 12.50
N THR B 237 -16.68 -24.73 12.32
CA THR B 237 -15.40 -25.44 12.49
C THR B 237 -14.82 -25.91 11.17
N SER B 238 -15.66 -25.92 10.14
CA SER B 238 -15.22 -26.24 8.79
C SER B 238 -16.09 -25.50 7.78
N TYR B 239 -15.44 -24.76 6.89
CA TYR B 239 -16.11 -24.03 5.83
C TYR B 239 -15.43 -24.37 4.50
N THR B 240 -16.22 -24.67 3.47
CA THR B 240 -15.67 -24.95 2.14
C THR B 240 -15.78 -23.69 1.28
N ILE B 241 -14.67 -22.98 1.07
CA ILE B 241 -14.72 -21.72 0.29
C ILE B 241 -15.14 -22.10 -1.13
N PRO B 242 -16.17 -21.42 -1.69
CA PRO B 242 -16.67 -21.78 -3.01
C PRO B 242 -15.66 -21.58 -4.14
N GLY B 243 -15.93 -22.26 -5.26
CA GLY B 243 -15.15 -22.09 -6.47
C GLY B 243 -14.10 -23.19 -6.61
N PRO B 244 -13.42 -23.21 -7.77
CA PRO B 244 -12.43 -24.25 -8.02
C PRO B 244 -11.18 -24.08 -7.18
N ALA B 245 -10.28 -25.07 -7.24
CA ALA B 245 -9.12 -25.09 -6.36
C ALA B 245 -8.11 -23.96 -6.61
N LEU B 246 -7.54 -23.48 -5.51
CA LEU B 246 -6.46 -22.50 -5.53
C LEU B 246 -5.25 -22.99 -6.33
N TRP B 247 -4.77 -22.15 -7.25
CA TRP B 247 -3.57 -22.46 -8.00
C TRP B 247 -2.36 -22.00 -7.20
#